data_4QHV
#
_entry.id   4QHV
#
_cell.length_a   84.393
_cell.length_b   84.393
_cell.length_c   78.333
_cell.angle_alpha   90.00
_cell.angle_beta   90.00
_cell.angle_gamma   120.00
#
_symmetry.space_group_name_H-M   'H 3'
#
loop_
_entity.id
_entity.type
_entity.pdbx_description
1 polymer 'Dihydrofolate reductase'
2 non-polymer 'NADPH DIHYDRO-NICOTINAMIDE-ADENINE-DINUCLEOTIDE PHOSPHATE'
3 non-polymer N~6~-methyl-N~6~-[4-(propan-2-yl)phenyl]pyrido[2,3-d]pyrimidine-2,4,6-triamine
4 non-polymer 'SULFATE ION'
5 water water
#
_entity_poly.entity_id   1
_entity_poly.type   'polypeptide(L)'
_entity_poly.pdbx_seq_one_letter_code
;VGSLNCIVAVSQNMGIGKNGDLPWPPLRNEFRYFQRMTTTSSVEGKQNLVIMGKKTWFSIPEKNRPLKGRINLVLSRELK
EPPQGAHFLSRSLDDALKLTEQPELANKVDMVWIVGGSSVYKEAMNHPGHLKLFVTRIMQDFESDTFFPEIDLEKYKLLP
EYPGVLSDVQEEKGIKYKFEVYEKND
;
_entity_poly.pdbx_strand_id   A
#
# COMPACT_ATOMS: atom_id res chain seq x y z
N VAL A 1 -13.50 -12.75 -0.70
CA VAL A 1 -12.43 -11.62 -0.71
C VAL A 1 -12.65 -10.68 0.48
N GLY A 2 -11.56 -10.38 1.22
CA GLY A 2 -11.61 -9.65 2.51
C GLY A 2 -11.49 -8.13 2.41
N SER A 3 -10.81 -7.59 3.43
CA SER A 3 -10.79 -6.08 3.50
C SER A 3 -9.95 -5.36 2.42
N LEU A 4 -10.30 -4.07 2.23
CA LEU A 4 -9.52 -3.18 1.31
C LEU A 4 -8.72 -2.22 2.17
N ASN A 5 -7.42 -2.07 1.82
CA ASN A 5 -6.49 -1.28 2.72
C ASN A 5 -5.53 -0.55 1.82
N CYS A 6 -5.11 0.64 2.22
CA CYS A 6 -3.90 1.30 1.64
C CYS A 6 -2.82 1.29 2.70
N ILE A 7 -1.57 1.08 2.27
CA ILE A 7 -0.43 1.17 3.18
C ILE A 7 0.59 2.14 2.56
N VAL A 8 1.14 3.05 3.39
CA VAL A 8 2.08 4.07 2.88
C VAL A 8 2.99 4.52 4.03
N ALA A 9 4.17 4.98 3.65
CA ALA A 9 5.05 5.74 4.56
C ALA A 9 5.19 7.16 3.98
N VAL A 10 5.09 8.18 4.86
CA VAL A 10 4.94 9.53 4.41
C VAL A 10 5.73 10.45 5.31
N SER A 11 6.38 11.39 4.64
CA SER A 11 7.14 12.35 5.49
C SER A 11 6.24 13.43 6.03
N GLN A 12 6.81 14.36 6.82
CA GLN A 12 5.97 15.42 7.40
C GLN A 12 5.32 16.40 6.35
N ASN A 13 6.05 16.61 5.27
CA ASN A 13 5.55 17.42 4.15
C ASN A 13 4.90 16.54 3.07
N MET A 14 4.38 15.38 3.51
CA MET A 14 3.50 14.51 2.70
C MET A 14 4.20 13.79 1.58
N GLY A 15 5.52 13.74 1.62
CA GLY A 15 6.17 13.10 0.49
C GLY A 15 6.21 11.60 0.63
N ILE A 16 6.13 10.92 -0.51
CA ILE A 16 6.21 9.43 -0.56
C ILE A 16 7.25 8.95 -1.53
N GLY A 17 7.85 9.84 -2.29
CA GLY A 17 8.82 9.35 -3.23
C GLY A 17 9.66 10.47 -3.82
N LYS A 18 10.88 10.15 -4.33
CA LYS A 18 11.61 11.16 -5.05
C LYS A 18 12.35 10.37 -6.16
N ASN A 19 12.04 10.66 -7.39
CA ASN A 19 12.67 9.97 -8.51
C ASN A 19 12.59 8.48 -8.42
N GLY A 20 11.41 8.00 -8.03
CA GLY A 20 11.12 6.52 -8.00
C GLY A 20 11.89 5.83 -6.89
N ASP A 21 12.35 6.58 -5.88
CA ASP A 21 12.92 5.96 -4.71
C ASP A 21 12.31 6.62 -3.47
N LEU A 22 12.64 6.11 -2.30
CA LEU A 22 12.10 6.74 -1.09
C LEU A 22 12.84 8.05 -0.78
N PRO A 23 12.13 9.00 -0.17
CA PRO A 23 12.83 10.34 0.13
C PRO A 23 13.90 10.25 1.21
N TRP A 24 13.76 9.28 2.09
CA TRP A 24 14.62 9.09 3.26
C TRP A 24 15.52 7.90 3.02
N PRO A 25 16.57 7.77 3.84
CA PRO A 25 17.44 6.58 3.76
C PRO A 25 16.68 5.34 4.17
N PRO A 26 17.11 4.17 3.75
CA PRO A 26 16.36 2.97 4.01
C PRO A 26 16.15 2.73 5.52
N LEU A 27 14.88 2.49 5.92
CA LEU A 27 14.55 2.14 7.30
C LEU A 27 14.20 0.67 7.31
N ARG A 28 15.13 -0.15 7.81
CA ARG A 28 15.07 -1.63 7.67
C ARG A 28 13.80 -2.17 8.32
N ASN A 29 13.50 -1.68 9.51
CA ASN A 29 12.35 -2.24 10.27
C ASN A 29 11.04 -1.72 9.65
N GLU A 30 11.06 -0.56 9.03
CA GLU A 30 9.84 -0.05 8.34
C GLU A 30 9.52 -0.93 7.14
N PHE A 31 10.55 -1.31 6.36
CA PHE A 31 10.35 -2.27 5.27
C PHE A 31 9.84 -3.60 5.84
N ARG A 32 10.36 -4.10 6.99
CA ARG A 32 9.85 -5.32 7.57
C ARG A 32 8.39 -5.26 7.96
N TYR A 33 7.97 -4.10 8.45
CA TYR A 33 6.58 -3.84 8.81
C TYR A 33 5.71 -3.91 7.56
N PHE A 34 6.13 -3.19 6.52
CA PHE A 34 5.41 -3.24 5.21
C PHE A 34 5.26 -4.68 4.72
N GLN A 35 6.35 -5.45 4.83
CA GLN A 35 6.29 -6.85 4.32
C GLN A 35 5.30 -7.66 5.21
N ARG A 36 5.42 -7.54 6.53
CA ARG A 36 4.59 -8.29 7.45
C ARG A 36 3.10 -7.95 7.30
N MET A 37 2.79 -6.64 7.18
CA MET A 37 1.36 -6.29 7.06
C MET A 37 0.74 -6.74 5.74
N THR A 38 1.46 -6.56 4.62
CA THR A 38 0.91 -6.93 3.35
C THR A 38 0.91 -8.46 3.13
N THR A 39 1.81 -9.20 3.75
CA THR A 39 1.89 -10.64 3.49
C THR A 39 0.95 -11.44 4.42
N THR A 40 0.75 -11.01 5.65
CA THR A 40 0.00 -11.84 6.64
C THR A 40 -1.50 -11.91 6.32
N SER A 41 -1.93 -13.16 6.03
CA SER A 41 -3.34 -13.44 5.63
C SER A 41 -4.08 -13.96 6.81
N SER A 42 -5.21 -13.31 7.09
CA SER A 42 -6.09 -13.80 8.14
C SER A 42 -6.73 -15.23 7.85
N VAL A 43 -6.79 -15.68 6.57
CA VAL A 43 -7.52 -16.91 6.07
C VAL A 43 -6.59 -17.97 5.42
N GLU A 44 -6.48 -19.19 5.96
CA GLU A 44 -5.55 -20.11 5.29
C GLU A 44 -6.13 -20.68 4.02
N GLY A 45 -5.25 -21.13 3.13
CA GLY A 45 -5.62 -21.35 1.75
C GLY A 45 -5.65 -20.10 0.85
N LYS A 46 -5.37 -18.92 1.41
CA LYS A 46 -5.37 -17.71 0.56
C LYS A 46 -4.13 -16.86 0.76
N GLN A 47 -3.88 -15.97 -0.20
CA GLN A 47 -2.81 -14.96 -0.11
C GLN A 47 -3.50 -13.60 -0.20
N ASN A 48 -2.83 -12.57 0.28
CA ASN A 48 -3.32 -11.21 0.05
C ASN A 48 -2.87 -10.72 -1.33
N LEU A 49 -3.65 -9.78 -1.87
CA LEU A 49 -3.32 -9.22 -3.18
C LEU A 49 -2.76 -7.84 -2.96
N VAL A 50 -1.63 -7.56 -3.62
CA VAL A 50 -1.08 -6.18 -3.57
C VAL A 50 -1.35 -5.54 -4.95
N ILE A 51 -1.92 -4.34 -4.96
CA ILE A 51 -2.20 -3.56 -6.16
C ILE A 51 -1.30 -2.35 -6.18
N MET A 52 -0.67 -2.12 -7.32
CA MET A 52 0.26 -0.96 -7.40
C MET A 52 0.27 -0.41 -8.81
N GLY A 53 0.55 0.88 -8.93
CA GLY A 53 0.80 1.45 -10.28
C GLY A 53 2.14 0.97 -10.82
N LYS A 54 2.26 1.35 -12.04
CA LYS A 54 3.42 0.90 -12.89
C LYS A 54 4.77 1.40 -12.31
N LYS A 55 4.78 2.70 -11.99
CA LYS A 55 6.03 3.34 -11.43
C LYS A 55 6.37 2.67 -10.07
N THR A 56 5.36 2.32 -9.25
CA THR A 56 5.68 1.66 -7.95
C THR A 56 6.28 0.26 -8.18
N TRP A 57 5.67 -0.50 -9.11
CA TRP A 57 6.31 -1.81 -9.49
C TRP A 57 7.79 -1.70 -9.85
N PHE A 58 8.07 -0.71 -10.70
CA PHE A 58 9.43 -0.61 -11.20
C PHE A 58 10.36 0.03 -10.14
N SER A 59 9.77 0.55 -9.05
CA SER A 59 10.57 1.10 -7.93
C SER A 59 11.06 -0.06 -7.00
N ILE A 60 10.51 -1.28 -7.16
CA ILE A 60 10.94 -2.40 -6.30
C ILE A 60 12.13 -3.07 -6.99
N PRO A 61 13.20 -3.38 -6.25
CA PRO A 61 14.39 -3.95 -6.93
C PRO A 61 13.96 -5.22 -7.62
N GLU A 62 14.41 -5.45 -8.83
CA GLU A 62 14.04 -6.64 -9.63
C GLU A 62 14.15 -7.96 -8.85
N LYS A 63 15.16 -8.07 -8.00
CA LYS A 63 15.37 -9.27 -7.19
C LYS A 63 14.19 -9.52 -6.25
N ASN A 64 13.36 -8.49 -6.02
CA ASN A 64 12.36 -8.55 -5.01
C ASN A 64 11.00 -8.58 -5.62
N ARG A 65 10.89 -8.51 -6.94
CA ARG A 65 9.59 -8.56 -7.60
C ARG A 65 9.43 -9.90 -8.31
N PRO A 66 8.25 -10.51 -8.19
CA PRO A 66 7.12 -9.94 -7.47
C PRO A 66 7.36 -10.00 -5.94
N LEU A 67 6.54 -9.23 -5.21
CA LEU A 67 6.62 -9.25 -3.71
C LEU A 67 6.22 -10.65 -3.27
N LYS A 68 7.14 -11.37 -2.61
CA LYS A 68 6.85 -12.82 -2.39
C LYS A 68 5.69 -13.08 -1.47
N GLY A 69 4.98 -14.20 -1.74
CA GLY A 69 3.93 -14.65 -0.83
C GLY A 69 2.65 -13.81 -0.92
N ARG A 70 2.60 -12.89 -1.90
CA ARG A 70 1.43 -12.08 -2.22
C ARG A 70 1.18 -12.16 -3.73
N ILE A 71 -0.10 -12.06 -4.13
CA ILE A 71 -0.42 -11.96 -5.57
C ILE A 71 -0.19 -10.53 -5.96
N ASN A 72 0.54 -10.32 -7.07
CA ASN A 72 0.97 -8.94 -7.45
C ASN A 72 0.22 -8.52 -8.70
N LEU A 73 -0.54 -7.42 -8.59
CA LEU A 73 -1.34 -6.85 -9.70
C LEU A 73 -0.88 -5.46 -9.98
N VAL A 74 -0.58 -5.18 -11.27
CA VAL A 74 -0.07 -3.83 -11.68
C VAL A 74 -1.12 -3.11 -12.45
N LEU A 75 -1.27 -1.82 -12.18
CA LEU A 75 -2.19 -0.97 -12.91
C LEU A 75 -1.46 -0.20 -13.97
N SER A 76 -1.99 -0.31 -15.18
CA SER A 76 -1.44 0.49 -16.29
C SER A 76 -2.41 0.48 -17.46
N ARG A 77 -2.53 1.61 -18.17
CA ARG A 77 -3.21 1.59 -19.52
C ARG A 77 -2.25 1.45 -20.70
N GLU A 78 -0.97 1.71 -20.53
CA GLU A 78 0.04 1.54 -21.61
C GLU A 78 0.47 0.11 -21.80
N LEU A 79 0.65 -0.63 -20.69
CA LEU A 79 1.15 -1.95 -20.81
C LEU A 79 0.04 -2.85 -21.39
N LYS A 80 0.51 -3.84 -22.09
CA LYS A 80 -0.48 -4.77 -22.73
C LYS A 80 -0.45 -6.17 -22.16
N GLU A 81 0.51 -6.37 -21.28
CA GLU A 81 0.54 -7.60 -20.50
C GLU A 81 1.26 -7.32 -19.17
N PRO A 82 1.07 -8.19 -18.14
CA PRO A 82 1.81 -7.97 -16.92
C PRO A 82 3.30 -7.87 -17.17
N PRO A 83 3.99 -6.96 -16.44
CA PRO A 83 5.43 -6.95 -16.51
C PRO A 83 6.08 -8.27 -16.11
N GLN A 84 7.31 -8.51 -16.56
CA GLN A 84 8.06 -9.66 -16.14
C GLN A 84 8.00 -9.83 -14.62
N GLY A 85 7.49 -10.96 -14.14
CA GLY A 85 7.45 -11.14 -12.68
C GLY A 85 6.06 -10.87 -12.11
N ALA A 86 5.25 -10.02 -12.74
CA ALA A 86 3.92 -9.72 -12.16
C ALA A 86 2.92 -10.78 -12.49
N HIS A 87 1.83 -10.84 -11.73
CA HIS A 87 0.80 -11.85 -11.95
C HIS A 87 -0.35 -11.38 -12.81
N PHE A 88 -0.85 -10.18 -12.53
CA PHE A 88 -2.02 -9.63 -13.18
C PHE A 88 -1.77 -8.18 -13.60
N LEU A 89 -2.53 -7.71 -14.59
CA LEU A 89 -2.54 -6.34 -15.08
C LEU A 89 -4.00 -5.89 -15.20
N SER A 90 -4.33 -4.70 -14.74
CA SER A 90 -5.66 -4.11 -14.95
C SER A 90 -5.46 -2.65 -15.37
N ARG A 91 -6.45 -2.10 -16.12
CA ARG A 91 -6.41 -0.76 -16.63
C ARG A 91 -6.71 0.24 -15.59
N SER A 92 -7.44 -0.16 -14.54
CA SER A 92 -7.87 0.79 -13.54
C SER A 92 -8.08 0.06 -12.23
N LEU A 93 -8.11 0.82 -11.16
CA LEU A 93 -8.44 0.29 -9.87
C LEU A 93 -9.80 -0.41 -9.85
N ASP A 94 -10.83 0.23 -10.42
CA ASP A 94 -12.16 -0.41 -10.35
C ASP A 94 -12.19 -1.71 -11.12
N ASP A 95 -11.43 -1.79 -12.24
CA ASP A 95 -11.24 -3.05 -12.95
C ASP A 95 -10.53 -4.04 -12.12
N ALA A 96 -9.48 -3.64 -11.38
CA ALA A 96 -8.80 -4.60 -10.55
C ALA A 96 -9.73 -5.20 -9.47
N LEU A 97 -10.52 -4.33 -8.83
CA LEU A 97 -11.38 -4.83 -7.77
C LEU A 97 -12.48 -5.75 -8.33
N LYS A 98 -12.93 -5.41 -9.52
CA LYS A 98 -13.87 -6.29 -10.25
C LYS A 98 -13.26 -7.65 -10.56
N LEU A 99 -11.97 -7.72 -10.93
CA LEU A 99 -11.28 -8.99 -11.20
C LEU A 99 -11.25 -9.92 -9.96
N THR A 100 -11.20 -9.26 -8.84
CA THR A 100 -11.18 -9.81 -7.51
C THR A 100 -12.51 -10.51 -7.15
N GLU A 101 -13.57 -10.26 -7.91
CA GLU A 101 -14.79 -11.05 -7.69
C GLU A 101 -15.07 -11.99 -8.86
N GLN A 102 -14.07 -12.20 -9.71
CA GLN A 102 -14.18 -13.16 -10.84
C GLN A 102 -13.83 -14.58 -10.38
N PRO A 103 -14.14 -15.61 -11.22
CA PRO A 103 -13.87 -17.01 -10.92
C PRO A 103 -12.51 -17.12 -10.30
N GLU A 104 -11.49 -16.94 -11.14
CA GLU A 104 -10.08 -17.08 -10.74
C GLU A 104 -9.64 -16.48 -9.35
N LEU A 105 -9.83 -15.18 -9.13
CA LEU A 105 -9.30 -14.54 -7.92
C LEU A 105 -10.16 -14.66 -6.65
N ALA A 106 -11.49 -14.71 -6.80
CA ALA A 106 -12.45 -14.68 -5.65
C ALA A 106 -12.20 -15.68 -4.49
N ASN A 107 -11.68 -16.86 -4.82
CA ASN A 107 -11.41 -17.88 -3.82
C ASN A 107 -9.92 -17.93 -3.43
N LYS A 108 -9.09 -17.08 -4.10
CA LYS A 108 -7.64 -17.09 -3.83
C LYS A 108 -7.16 -15.94 -2.97
N VAL A 109 -7.96 -14.88 -2.90
CA VAL A 109 -7.45 -13.64 -2.30
C VAL A 109 -8.11 -13.42 -0.96
N ASP A 110 -7.28 -13.05 0.02
CA ASP A 110 -7.74 -12.60 1.34
C ASP A 110 -7.91 -11.08 1.39
N MET A 111 -6.90 -10.38 1.91
CA MET A 111 -6.97 -8.94 2.03
C MET A 111 -6.42 -8.29 0.75
N VAL A 112 -6.91 -7.10 0.39
CA VAL A 112 -6.34 -6.32 -0.76
C VAL A 112 -5.61 -5.14 -0.19
N TRP A 113 -4.33 -4.98 -0.65
CA TRP A 113 -3.45 -3.86 -0.13
C TRP A 113 -3.03 -3.03 -1.29
N ILE A 114 -3.41 -1.75 -1.28
CA ILE A 114 -2.97 -0.73 -2.28
C ILE A 114 -1.69 -0.17 -1.78
N VAL A 115 -0.61 -0.33 -2.54
CA VAL A 115 0.75 0.00 -2.04
C VAL A 115 1.36 1.15 -2.83
N GLY A 116 0.57 1.80 -3.68
CA GLY A 116 1.00 3.11 -4.27
C GLY A 116 0.83 3.06 -5.76
N GLY A 117 1.03 4.14 -6.48
CA GLY A 117 1.46 5.41 -5.90
C GLY A 117 0.31 6.40 -5.73
N SER A 118 0.65 7.68 -5.82
CA SER A 118 -0.20 8.81 -5.49
C SER A 118 -1.59 8.77 -6.15
N SER A 119 -1.68 8.52 -7.49
CA SER A 119 -3.01 8.54 -8.11
C SER A 119 -3.87 7.36 -7.70
N VAL A 120 -3.22 6.24 -7.39
CA VAL A 120 -3.96 5.01 -6.97
C VAL A 120 -4.54 5.23 -5.53
N TYR A 121 -3.65 5.77 -4.67
CA TYR A 121 -4.15 6.17 -3.34
C TYR A 121 -5.31 7.13 -3.43
N LYS A 122 -5.19 8.15 -4.29
CA LYS A 122 -6.23 9.24 -4.32
C LYS A 122 -7.60 8.62 -4.68
N GLU A 123 -7.56 7.77 -5.68
CA GLU A 123 -8.79 7.17 -6.16
C GLU A 123 -9.41 6.29 -5.10
N ALA A 124 -8.59 5.42 -4.51
CA ALA A 124 -9.15 4.57 -3.46
C ALA A 124 -9.73 5.40 -2.34
N MET A 125 -9.04 6.46 -1.97
CA MET A 125 -9.41 7.15 -0.72
C MET A 125 -10.74 7.91 -0.82
N ASN A 126 -11.16 8.14 -2.05
CA ASN A 126 -12.28 9.03 -2.33
C ASN A 126 -13.45 8.23 -2.87
N HIS A 127 -13.27 6.91 -2.92
CA HIS A 127 -14.31 5.99 -3.37
C HIS A 127 -15.13 5.48 -2.21
N PRO A 128 -16.48 5.58 -2.30
CA PRO A 128 -17.32 5.08 -1.19
C PRO A 128 -17.01 3.64 -0.74
N GLY A 129 -17.08 3.41 0.57
CA GLY A 129 -17.00 2.03 1.02
C GLY A 129 -16.15 1.94 2.28
N HIS A 130 -15.87 0.72 2.75
CA HIS A 130 -15.10 0.51 3.95
C HIS A 130 -13.65 0.37 3.54
N LEU A 131 -12.82 1.25 4.13
CA LEU A 131 -11.37 1.25 3.73
C LEU A 131 -10.55 1.65 4.93
N LYS A 132 -9.38 1.02 5.09
CA LYS A 132 -8.42 1.42 6.15
C LYS A 132 -7.18 1.95 5.46
N LEU A 133 -6.50 2.89 6.14
CA LEU A 133 -5.18 3.40 5.70
C LEU A 133 -4.19 3.06 6.81
N PHE A 134 -3.15 2.34 6.45
CA PHE A 134 -2.03 2.07 7.41
C PHE A 134 -0.89 3.02 7.02
N VAL A 135 -0.67 4.01 7.87
CA VAL A 135 0.13 5.20 7.55
C VAL A 135 1.34 5.23 8.49
N THR A 136 2.58 5.17 7.93
CA THR A 136 3.78 5.34 8.81
C THR A 136 4.14 6.83 8.63
N ARG A 137 4.11 7.57 9.75
CA ARG A 137 4.47 9.01 9.77
C ARG A 137 5.96 9.14 10.02
N ILE A 138 6.71 9.49 8.96
CA ILE A 138 8.12 9.76 9.10
C ILE A 138 8.18 11.20 9.57
N MET A 139 8.68 11.37 10.80
CA MET A 139 8.58 12.64 11.53
C MET A 139 9.68 13.64 11.23
N GLN A 140 9.90 13.88 9.95
CA GLN A 140 10.81 14.93 9.45
C GLN A 140 10.39 15.27 8.05
N ASP A 141 10.82 16.44 7.57
CA ASP A 141 10.57 16.80 6.17
C ASP A 141 11.69 16.31 5.25
N PHE A 142 11.33 15.66 4.14
CA PHE A 142 12.34 15.16 3.20
C PHE A 142 11.91 15.65 1.79
N GLU A 143 12.90 16.12 1.04
CA GLU A 143 12.64 16.51 -0.33
C GLU A 143 12.01 15.36 -1.16
N SER A 144 10.91 15.73 -1.80
CA SER A 144 10.08 14.69 -2.50
C SER A 144 9.54 15.20 -3.80
N ASP A 145 9.13 14.30 -4.72
CA ASP A 145 8.51 14.77 -5.94
C ASP A 145 7.17 14.08 -6.20
N THR A 146 6.66 13.32 -5.24
CA THR A 146 5.36 12.70 -5.33
C THR A 146 4.84 12.65 -3.86
N PHE A 147 3.53 12.92 -3.70
CA PHE A 147 2.96 13.12 -2.39
C PHE A 147 1.73 12.27 -2.13
N PHE A 148 1.47 11.94 -0.87
CA PHE A 148 0.24 11.24 -0.51
C PHE A 148 -0.94 12.21 -0.36
N PRO A 149 -2.06 11.90 -1.00
CA PRO A 149 -3.24 12.76 -0.94
C PRO A 149 -3.65 13.10 0.51
N GLU A 150 -4.41 14.23 0.59
CA GLU A 150 -4.95 14.67 1.87
C GLU A 150 -5.83 13.61 2.47
N ILE A 151 -5.62 13.33 3.77
CA ILE A 151 -6.54 12.50 4.54
C ILE A 151 -7.62 13.36 5.16
N ASP A 152 -8.86 13.12 4.78
CA ASP A 152 -10.04 13.91 5.31
C ASP A 152 -10.45 13.30 6.61
N LEU A 153 -10.15 13.96 7.73
CA LEU A 153 -10.37 13.35 9.03
C LEU A 153 -11.81 13.45 9.45
N GLU A 154 -12.61 14.10 8.64
CA GLU A 154 -14.06 14.04 8.88
C GLU A 154 -14.59 12.60 8.61
N LYS A 155 -13.93 11.94 7.65
CA LYS A 155 -14.30 10.59 7.23
C LYS A 155 -13.35 9.54 7.82
N TYR A 156 -12.06 9.85 7.86
CA TYR A 156 -11.11 8.80 8.34
C TYR A 156 -10.80 8.98 9.80
N LYS A 157 -11.18 7.99 10.58
CA LYS A 157 -10.93 8.01 12.03
C LYS A 157 -9.65 7.35 12.37
N LEU A 158 -8.73 8.08 13.02
CA LEU A 158 -7.52 7.45 13.57
C LEU A 158 -7.88 6.51 14.73
N LEU A 159 -7.42 5.26 14.62
CA LEU A 159 -7.78 4.23 15.61
C LEU A 159 -6.83 4.40 16.80
N PRO A 160 -7.33 4.18 18.04
CA PRO A 160 -6.42 4.40 19.16
C PRO A 160 -5.27 3.35 19.33
N GLU A 161 -5.39 2.15 18.73
CA GLU A 161 -4.38 1.18 18.61
C GLU A 161 -4.99 0.10 17.67
N TYR A 162 -4.14 -0.79 17.25
CA TYR A 162 -4.60 -1.82 16.33
C TYR A 162 -3.72 -3.05 16.61
N PRO A 163 -4.27 -4.30 16.63
CA PRO A 163 -3.41 -5.50 16.87
C PRO A 163 -2.30 -5.70 15.86
N GLY A 164 -1.07 -5.97 16.32
CA GLY A 164 0.03 -6.14 15.36
C GLY A 164 0.70 -4.85 14.96
N VAL A 165 0.23 -3.72 15.49
CA VAL A 165 0.83 -2.46 15.10
C VAL A 165 1.34 -1.80 16.35
N LEU A 166 2.64 -1.53 16.40
CA LEU A 166 3.18 -0.83 17.54
C LEU A 166 2.65 0.59 17.68
N SER A 167 2.37 1.07 18.92
CA SER A 167 1.77 2.41 19.11
C SER A 167 2.80 3.49 19.44
N ASP A 168 4.01 3.08 19.82
CA ASP A 168 4.99 4.02 20.35
C ASP A 168 5.90 4.53 19.25
N VAL A 169 6.73 5.51 19.58
CA VAL A 169 7.66 6.07 18.55
C VAL A 169 8.80 5.13 18.28
N GLN A 170 9.13 4.98 16.98
CA GLN A 170 10.19 4.15 16.46
C GLN A 170 11.29 5.11 16.02
N GLU A 171 12.54 4.58 16.00
CA GLU A 171 13.65 5.34 15.40
C GLU A 171 14.69 4.45 14.76
N GLU A 172 15.01 4.79 13.51
CA GLU A 172 16.12 4.07 12.80
C GLU A 172 16.92 5.15 12.03
N LYS A 173 18.26 4.93 11.95
CA LYS A 173 19.13 5.94 11.29
C LYS A 173 18.92 7.36 11.76
N GLY A 174 18.55 7.54 13.03
CA GLY A 174 18.33 8.88 13.53
C GLY A 174 17.00 9.57 13.13
N ILE A 175 16.11 8.79 12.52
CA ILE A 175 14.85 9.32 12.01
C ILE A 175 13.68 8.65 12.87
N LYS A 176 12.97 9.48 13.61
CA LYS A 176 11.80 9.01 14.39
C LYS A 176 10.56 8.85 13.43
N TYR A 177 9.79 7.79 13.71
CA TYR A 177 8.54 7.60 12.92
C TYR A 177 7.53 6.87 13.82
N LYS A 178 6.29 6.82 13.37
CA LYS A 178 5.30 6.10 14.18
C LYS A 178 4.29 5.48 13.22
N PHE A 179 3.57 4.47 13.71
CA PHE A 179 2.65 3.76 12.84
C PHE A 179 1.22 4.13 13.27
N GLU A 180 0.33 4.39 12.30
CA GLU A 180 -1.10 4.81 12.53
C GLU A 180 -1.98 3.97 11.61
N VAL A 181 -3.22 3.79 12.12
CA VAL A 181 -4.26 3.12 11.31
C VAL A 181 -5.50 4.01 11.30
N TYR A 182 -6.00 4.30 10.12
CA TYR A 182 -7.21 5.09 9.88
C TYR A 182 -8.25 4.24 9.28
N GLU A 183 -9.50 4.52 9.70
CA GLU A 183 -10.63 3.71 9.11
C GLU A 183 -11.75 4.68 8.65
N LYS A 184 -12.25 4.47 7.44
CA LYS A 184 -13.52 5.13 6.99
C LYS A 184 -14.54 4.06 6.64
N ASN A 185 -15.81 4.45 6.71
CA ASN A 185 -16.88 3.55 6.11
C ASN A 185 -17.98 4.43 5.62
N ASP A 186 -18.03 4.66 4.32
CA ASP A 186 -19.05 5.61 3.80
C ASP A 186 -19.62 5.01 2.51
#